data_1FJ0
#
_entry.id   1FJ0
#
_cell.length_a   50.310
_cell.length_b   71.530
_cell.length_c   66.660
_cell.angle_alpha   90.00
_cell.angle_beta   93.52
_cell.angle_gamma   90.00
#
_symmetry.space_group_name_H-M   'P 1 21 1'
#
loop_
_entity.id
_entity.type
_entity.pdbx_description
1 polymer 'CYTOCHROME C2'
2 non-polymer 'SULFATE ION'
3 non-polymer 'HEME C'
4 non-polymer GLYCEROL
5 water water
#
_entity_poly.entity_id   1
_entity_poly.type   'polypeptide(L)'
_entity_poly.pdbx_seq_one_letter_code
;(PCA)DAKAGEAVFKQCMTCHRADKNMVGPALAGVVGRKAGTAAGFTYSPLNHNSGEAGLVWTADNIVPYLADPNAFLKK
FLTEKGKADQAVGVTKMTFKLANEQQRKDVVAYLATLK
;
_entity_poly.pdbx_strand_id   A,B,C,D
#
loop_
_chem_comp.id
_chem_comp.type
_chem_comp.name
_chem_comp.formula
GOL non-polymer GLYCEROL 'C3 H8 O3'
HEC non-polymer 'HEME C' 'C34 H34 Fe N4 O4'
SO4 non-polymer 'SULFATE ION' 'O4 S -2'
#
# COMPACT_ATOMS: atom_id res chain seq x y z
N PCA A 1 -5.10 -2.25 -14.87
CA PCA A 1 -5.65 -3.51 -14.31
CB PCA A 1 -5.83 -3.25 -12.84
CG PCA A 1 -5.65 -1.79 -12.63
CD PCA A 1 -5.16 -1.18 -13.87
OE PCA A 1 -4.54 -0.18 -14.14
C PCA A 1 -6.95 -3.86 -15.02
O PCA A 1 -7.76 -4.59 -14.49
N ASP A 2 -7.05 -3.43 -16.28
CA ASP A 2 -8.24 -3.79 -17.09
C ASP A 2 -7.86 -5.00 -17.91
N ALA A 3 -8.34 -6.17 -17.53
CA ALA A 3 -7.94 -7.39 -18.25
C ALA A 3 -8.38 -7.41 -19.69
N LYS A 4 -9.54 -6.79 -20.00
CA LYS A 4 -10.02 -6.77 -21.39
C LYS A 4 -9.08 -6.00 -22.29
N ALA A 5 -8.63 -4.85 -21.78
CA ALA A 5 -7.65 -4.02 -22.49
C ALA A 5 -6.32 -4.78 -22.57
N GLY A 6 -6.07 -5.61 -21.56
CA GLY A 6 -4.87 -6.44 -21.59
C GLY A 6 -4.88 -7.45 -22.73
N GLU A 7 -6.01 -7.81 -23.30
CA GLU A 7 -6.05 -8.76 -24.41
C GLU A 7 -5.19 -8.32 -25.58
N ALA A 8 -5.28 -7.00 -25.85
CA ALA A 8 -4.57 -6.48 -27.02
C ALA A 8 -3.06 -6.54 -26.78
N VAL A 9 -2.65 -6.24 -25.55
CA VAL A 9 -1.24 -6.32 -25.17
C VAL A 9 -0.77 -7.78 -25.21
N PHE A 10 -1.59 -8.72 -24.74
CA PHE A 10 -1.26 -10.13 -24.73
C PHE A 10 -0.96 -10.71 -26.09
N LYS A 11 -1.50 -10.14 -27.17
CA LYS A 11 -1.19 -10.63 -28.50
C LYS A 11 0.32 -10.58 -28.75
N GLN A 12 1.03 -9.61 -28.20
CA GLN A 12 2.48 -9.53 -28.37
C GLN A 12 3.14 -10.72 -27.67
N CYS A 13 2.63 -10.98 -26.43
CA CYS A 13 3.16 -12.12 -25.68
C CYS A 13 2.92 -13.45 -26.41
N MET A 14 1.83 -13.55 -27.15
CA MET A 14 1.54 -14.78 -27.90
C MET A 14 2.58 -15.09 -28.97
N THR A 15 3.44 -14.14 -29.33
CA THR A 15 4.54 -14.49 -30.23
C THR A 15 5.36 -15.63 -29.67
N CYS A 16 5.59 -15.59 -28.36
CA CYS A 16 6.46 -16.57 -27.73
C CYS A 16 5.85 -17.46 -26.67
N HIS A 17 4.67 -17.10 -26.21
CA HIS A 17 4.03 -17.81 -25.11
C HIS A 17 2.63 -18.29 -25.49
N ARG A 18 2.34 -19.49 -25.00
CA ARG A 18 1.03 -20.11 -25.08
C ARG A 18 0.51 -20.27 -23.66
N ALA A 19 -0.78 -20.52 -23.48
CA ALA A 19 -1.32 -20.71 -22.13
C ALA A 19 -0.82 -22.02 -21.57
N ASP A 20 -1.07 -23.09 -22.36
CA ASP A 20 -0.82 -24.41 -21.85
C ASP A 20 0.40 -25.16 -22.29
N LYS A 21 1.09 -24.78 -23.34
CA LYS A 21 2.27 -25.51 -23.75
C LYS A 21 3.44 -24.55 -23.86
N ASN A 22 4.63 -25.14 -23.72
CA ASN A 22 5.83 -24.32 -23.86
C ASN A 22 6.06 -24.01 -25.33
N MET A 23 6.72 -22.91 -25.61
CA MET A 23 7.06 -22.50 -26.98
C MET A 23 8.41 -21.81 -26.92
N VAL A 24 8.54 -20.58 -27.44
CA VAL A 24 9.83 -19.88 -27.29
C VAL A 24 10.00 -19.59 -25.78
N GLY A 25 8.92 -19.18 -25.14
CA GLY A 25 8.92 -18.97 -23.67
C GLY A 25 8.03 -20.04 -23.05
N PRO A 26 8.01 -20.07 -21.71
CA PRO A 26 7.25 -21.05 -20.97
C PRO A 26 5.75 -20.81 -21.01
N ALA A 27 4.99 -21.90 -20.83
CA ALA A 27 3.54 -21.81 -20.75
C ALA A 27 3.16 -20.86 -19.62
N LEU A 28 2.18 -20.00 -19.89
CA LEU A 28 1.84 -18.99 -18.89
C LEU A 28 0.60 -19.27 -18.08
N ALA A 29 -0.22 -20.28 -18.42
CA ALA A 29 -1.40 -20.51 -17.59
C ALA A 29 -0.94 -20.81 -16.16
N GLY A 30 -1.56 -20.12 -15.21
CA GLY A 30 -1.20 -20.29 -13.80
C GLY A 30 0.11 -19.61 -13.45
N VAL A 31 0.63 -18.72 -14.31
CA VAL A 31 1.87 -18.05 -13.91
C VAL A 31 1.68 -17.19 -12.66
N VAL A 32 0.52 -16.59 -12.46
CA VAL A 32 0.29 -15.77 -11.27
C VAL A 32 0.14 -16.73 -10.10
N GLY A 33 1.14 -16.72 -9.24
CA GLY A 33 1.22 -17.64 -8.11
C GLY A 33 2.25 -18.74 -8.35
N ARG A 34 3.00 -18.68 -9.45
CA ARG A 34 3.96 -19.73 -9.73
C ARG A 34 5.39 -19.31 -9.36
N LYS A 35 6.14 -20.21 -8.73
CA LYS A 35 7.56 -19.93 -8.45
C LYS A 35 8.25 -19.74 -9.79
N ALA A 36 9.08 -18.70 -9.89
CA ALA A 36 9.72 -18.42 -11.16
C ALA A 36 10.60 -19.61 -11.55
N GLY A 37 10.70 -19.81 -12.87
CA GLY A 37 11.56 -20.83 -13.45
C GLY A 37 11.06 -22.24 -13.18
N THR A 38 9.75 -22.47 -13.15
CA THR A 38 9.29 -23.83 -12.85
C THR A 38 8.25 -24.39 -13.81
N ALA A 39 7.98 -23.75 -14.93
CA ALA A 39 6.99 -24.36 -15.86
C ALA A 39 7.58 -25.71 -16.30
N ALA A 40 6.75 -26.75 -16.18
CA ALA A 40 7.24 -28.10 -16.48
C ALA A 40 7.77 -28.18 -17.90
N GLY A 41 8.95 -28.77 -18.05
CA GLY A 41 9.57 -28.99 -19.33
C GLY A 41 10.32 -27.83 -19.95
N PHE A 42 10.26 -26.62 -19.37
CA PHE A 42 10.94 -25.49 -19.96
C PHE A 42 12.33 -25.31 -19.38
N THR A 43 13.29 -25.03 -20.25
CA THR A 43 14.66 -24.78 -19.81
C THR A 43 14.92 -23.27 -19.68
N TYR A 44 14.98 -22.80 -18.42
CA TYR A 44 15.17 -21.38 -18.22
C TYR A 44 16.63 -20.96 -18.18
N SER A 45 16.82 -19.65 -18.27
CA SER A 45 18.14 -19.07 -18.08
C SER A 45 18.49 -19.26 -16.61
N PRO A 46 19.78 -19.23 -16.29
CA PRO A 46 20.23 -19.21 -14.91
C PRO A 46 19.64 -18.05 -14.13
N LEU A 47 19.55 -16.86 -14.73
CA LEU A 47 19.00 -15.69 -14.06
C LEU A 47 17.56 -15.93 -13.58
N ASN A 48 16.71 -16.43 -14.47
CA ASN A 48 15.32 -16.72 -14.06
C ASN A 48 15.29 -17.90 -13.10
N HIS A 49 15.99 -18.99 -13.40
CA HIS A 49 16.05 -20.13 -12.51
C HIS A 49 16.47 -19.73 -11.09
N ASN A 50 17.57 -19.01 -10.97
CA ASN A 50 18.12 -18.62 -9.67
C ASN A 50 17.15 -17.72 -8.92
N SER A 51 16.43 -16.87 -9.61
CA SER A 51 15.44 -15.98 -8.98
C SER A 51 14.36 -16.83 -8.30
N GLY A 52 13.79 -17.80 -9.03
CA GLY A 52 12.79 -18.68 -8.41
C GLY A 52 13.34 -19.47 -7.23
N GLU A 53 14.58 -19.94 -7.40
CA GLU A 53 15.23 -20.72 -6.33
C GLU A 53 15.42 -19.89 -5.08
N ALA A 54 15.62 -18.58 -5.23
CA ALA A 54 15.78 -17.67 -4.10
C ALA A 54 14.42 -17.26 -3.52
N GLY A 55 13.33 -17.77 -4.09
CA GLY A 55 12.00 -17.62 -3.57
C GLY A 55 11.02 -16.79 -4.41
N LEU A 56 11.43 -16.29 -5.56
CA LEU A 56 10.52 -15.43 -6.32
C LEU A 56 9.30 -16.20 -6.83
N VAL A 57 8.15 -15.71 -6.40
CA VAL A 57 6.85 -16.23 -6.86
C VAL A 57 6.23 -15.06 -7.66
N TRP A 58 5.75 -15.33 -8.86
CA TRP A 58 5.18 -14.26 -9.67
C TRP A 58 3.79 -13.91 -9.10
N THR A 59 3.56 -12.62 -8.95
CA THR A 59 2.28 -12.17 -8.40
C THR A 59 1.69 -11.13 -9.35
N ALA A 60 0.43 -10.76 -9.08
CA ALA A 60 -0.19 -9.68 -9.86
C ALA A 60 0.54 -8.36 -9.66
N ASP A 61 1.26 -8.15 -8.57
CA ASP A 61 1.98 -6.92 -8.35
C ASP A 61 3.37 -6.94 -8.98
N ASN A 62 4.17 -7.99 -8.83
CA ASN A 62 5.55 -7.95 -9.27
C ASN A 62 5.74 -8.24 -10.75
N ILE A 63 4.75 -8.80 -11.46
CA ILE A 63 4.98 -9.00 -12.90
C ILE A 63 4.99 -7.64 -13.59
N VAL A 64 4.29 -6.66 -13.03
CA VAL A 64 4.25 -5.31 -13.61
C VAL A 64 5.59 -4.66 -13.78
N PRO A 65 6.43 -4.53 -12.76
CA PRO A 65 7.76 -3.95 -12.92
C PRO A 65 8.67 -4.87 -13.73
N TYR A 66 8.49 -6.18 -13.59
CA TYR A 66 9.24 -7.15 -14.37
C TYR A 66 9.14 -6.85 -15.87
N LEU A 67 7.91 -6.70 -16.38
CA LEU A 67 7.76 -6.48 -17.83
C LEU A 67 8.41 -5.20 -18.33
N ALA A 68 8.63 -4.19 -17.49
CA ALA A 68 9.33 -3.00 -17.97
C ALA A 68 10.78 -3.32 -18.33
N ASP A 69 11.39 -4.25 -17.60
CA ASP A 69 12.80 -4.58 -17.87
C ASP A 69 13.15 -5.85 -17.12
N PRO A 70 12.88 -6.99 -17.73
CA PRO A 70 13.10 -8.29 -17.11
C PRO A 70 14.49 -8.44 -16.50
N ASN A 71 15.54 -8.05 -17.24
CA ASN A 71 16.86 -8.18 -16.62
C ASN A 71 17.02 -7.36 -15.36
N ALA A 72 16.63 -6.08 -15.42
CA ALA A 72 16.80 -5.21 -14.26
C ALA A 72 16.02 -5.74 -13.05
N PHE A 73 14.81 -6.21 -13.31
CA PHE A 73 13.99 -6.72 -12.20
C PHE A 73 14.62 -7.92 -11.52
N LEU A 74 14.98 -8.94 -12.29
CA LEU A 74 15.56 -10.18 -11.74
C LEU A 74 16.90 -9.92 -11.10
N LYS A 75 17.71 -9.03 -11.71
CA LYS A 75 19.01 -8.72 -11.11
C LYS A 75 18.83 -8.04 -9.75
N LYS A 76 17.90 -7.09 -9.67
CA LYS A 76 17.63 -6.35 -8.45
C LYS A 76 17.07 -7.29 -7.38
N PHE A 77 16.15 -8.19 -7.77
CA PHE A 77 15.62 -9.16 -6.82
C PHE A 77 16.74 -9.99 -6.18
N LEU A 78 17.61 -10.56 -7.01
CA LEU A 78 18.64 -11.43 -6.46
C LEU A 78 19.66 -10.61 -5.67
N THR A 79 19.92 -9.39 -6.14
CA THR A 79 20.86 -8.53 -5.40
C THR A 79 20.32 -8.23 -4.02
N GLU A 80 19.02 -7.98 -3.90
CA GLU A 80 18.42 -7.72 -2.60
C GLU A 80 18.47 -8.91 -1.66
N LYS A 81 18.55 -10.12 -2.21
CA LYS A 81 18.64 -11.33 -1.43
C LYS A 81 20.08 -11.63 -0.98
N GLY A 82 21.04 -10.80 -1.36
CA GLY A 82 22.45 -11.07 -1.07
C GLY A 82 22.95 -12.16 -2.00
N LYS A 83 22.40 -12.18 -3.21
CA LYS A 83 22.75 -13.17 -4.22
C LYS A 83 23.07 -12.54 -5.57
N ALA A 84 23.75 -11.39 -5.53
CA ALA A 84 24.08 -10.66 -6.77
C ALA A 84 24.90 -11.49 -7.71
N ASP A 85 25.76 -12.37 -7.19
CA ASP A 85 26.58 -13.21 -8.06
C ASP A 85 25.75 -14.16 -8.91
N GLN A 86 24.54 -14.52 -8.46
CA GLN A 86 23.68 -15.41 -9.22
C GLN A 86 22.91 -14.64 -10.30
N ALA A 87 23.10 -13.35 -10.39
CA ALA A 87 22.40 -12.51 -11.35
C ALA A 87 23.30 -11.98 -12.46
N VAL A 88 24.50 -12.54 -12.62
CA VAL A 88 25.37 -11.95 -13.66
C VAL A 88 24.86 -12.17 -15.07
N GLY A 89 24.08 -13.22 -15.31
CA GLY A 89 23.60 -13.49 -16.67
C GLY A 89 22.35 -12.69 -17.03
N VAL A 90 21.84 -12.96 -18.25
CA VAL A 90 20.65 -12.27 -18.70
C VAL A 90 19.54 -13.28 -18.97
N THR A 91 18.32 -12.73 -19.04
CA THR A 91 17.17 -13.61 -19.31
C THR A 91 17.07 -13.93 -20.79
N LYS A 92 16.39 -15.03 -21.08
CA LYS A 92 16.13 -15.42 -22.48
C LYS A 92 15.01 -14.57 -23.08
N MET A 93 14.21 -13.90 -22.26
CA MET A 93 13.10 -13.08 -22.72
C MET A 93 13.63 -11.73 -23.16
N THR A 94 13.80 -11.46 -24.44
CA THR A 94 14.38 -10.22 -24.92
C THR A 94 13.35 -9.14 -25.22
N PHE A 95 12.16 -9.25 -24.69
CA PHE A 95 11.05 -8.36 -24.88
C PHE A 95 10.83 -7.51 -23.64
N LYS A 96 10.45 -6.26 -23.84
CA LYS A 96 10.14 -5.32 -22.78
C LYS A 96 8.85 -4.59 -23.18
N LEU A 97 8.12 -4.11 -22.19
CA LEU A 97 6.90 -3.33 -22.42
C LEU A 97 7.03 -2.07 -21.59
N ALA A 98 7.35 -0.95 -22.28
CA ALA A 98 7.59 0.28 -21.51
C ALA A 98 6.36 0.83 -20.82
N ASN A 99 5.24 0.84 -21.52
CA ASN A 99 4.04 1.52 -20.96
C ASN A 99 3.45 0.87 -19.73
N GLU A 100 3.40 1.65 -18.64
CA GLU A 100 2.90 1.11 -17.37
C GLU A 100 1.46 0.64 -17.39
N GLN A 101 0.58 1.39 -18.04
CA GLN A 101 -0.83 0.97 -18.13
C GLN A 101 -0.92 -0.36 -18.89
N GLN A 102 -0.16 -0.50 -19.95
CA GLN A 102 -0.22 -1.74 -20.73
C GLN A 102 0.25 -2.92 -19.89
N ARG A 103 1.31 -2.66 -19.09
CA ARG A 103 1.78 -3.74 -18.20
C ARG A 103 0.73 -4.09 -17.16
N LYS A 104 0.12 -3.07 -16.52
CA LYS A 104 -0.93 -3.39 -15.55
C LYS A 104 -2.08 -4.17 -16.18
N ASP A 105 -2.49 -3.74 -17.39
CA ASP A 105 -3.61 -4.42 -18.04
C ASP A 105 -3.24 -5.83 -18.46
N VAL A 106 -2.04 -6.06 -18.99
CA VAL A 106 -1.74 -7.44 -19.42
C VAL A 106 -1.60 -8.34 -18.19
N VAL A 107 -1.07 -7.78 -17.08
CA VAL A 107 -0.98 -8.60 -15.87
C VAL A 107 -2.37 -8.92 -15.33
N ALA A 108 -3.34 -8.01 -15.48
CA ALA A 108 -4.73 -8.36 -15.09
C ALA A 108 -5.21 -9.51 -15.96
N TYR A 109 -4.88 -9.47 -17.27
CA TYR A 109 -5.19 -10.58 -18.17
C TYR A 109 -4.55 -11.87 -17.66
N LEU A 110 -3.24 -11.84 -17.34
CA LEU A 110 -2.57 -13.02 -16.84
C LEU A 110 -3.22 -13.65 -15.62
N ALA A 111 -3.76 -12.80 -14.74
CA ALA A 111 -4.42 -13.28 -13.52
C ALA A 111 -5.66 -14.10 -13.87
N THR A 112 -6.27 -13.91 -15.03
CA THR A 112 -7.39 -14.72 -15.45
C THR A 112 -6.96 -16.00 -16.17
N LEU A 113 -5.69 -16.14 -16.52
CA LEU A 113 -5.19 -17.33 -17.20
C LEU A 113 -4.89 -18.43 -16.16
N LYS A 114 -5.91 -19.12 -15.72
CA LYS A 114 -5.84 -20.11 -14.66
C LYS A 114 -5.04 -21.38 -14.94
N PCA B 1 8.24 -32.81 7.89
CA PCA B 1 8.23 -32.14 9.18
CB PCA B 1 7.54 -33.11 10.12
CG PCA B 1 7.47 -34.43 9.45
CD PCA B 1 7.73 -34.20 8.02
OE PCA B 1 7.79 -34.88 7.04
C PCA B 1 9.63 -31.71 9.60
O PCA B 1 9.91 -31.50 10.78
N ASP B 2 10.48 -31.43 8.61
CA ASP B 2 11.86 -30.99 8.91
C ASP B 2 11.89 -29.47 8.79
N ALA B 3 11.92 -28.76 9.90
CA ALA B 3 11.87 -27.30 9.88
C ALA B 3 13.04 -26.66 9.15
N LYS B 4 14.23 -27.28 9.19
CA LYS B 4 15.38 -26.76 8.46
C LYS B 4 15.17 -26.82 6.97
N ALA B 5 14.62 -27.93 6.46
CA ALA B 5 14.29 -28.05 5.06
C ALA B 5 13.18 -27.03 4.77
N GLY B 6 12.31 -26.78 5.75
CA GLY B 6 11.23 -25.81 5.60
C GLY B 6 11.73 -24.40 5.36
N GLU B 7 12.93 -24.03 5.81
CA GLU B 7 13.48 -22.71 5.52
C GLU B 7 13.51 -22.40 4.03
N ALA B 8 13.93 -23.40 3.23
CA ALA B 8 14.05 -23.19 1.80
C ALA B 8 12.67 -22.93 1.19
N VAL B 9 11.69 -23.71 1.65
CA VAL B 9 10.33 -23.56 1.14
C VAL B 9 9.80 -22.20 1.55
N PHE B 10 10.13 -21.73 2.75
CA PHE B 10 9.63 -20.47 3.28
C PHE B 10 10.08 -19.28 2.45
N LYS B 11 11.21 -19.41 1.71
CA LYS B 11 11.63 -18.31 0.85
C LYS B 11 10.50 -17.95 -0.14
N GLN B 12 9.75 -18.92 -0.64
CA GLN B 12 8.62 -18.59 -1.54
C GLN B 12 7.56 -17.81 -0.79
N CYS B 13 7.24 -18.26 0.43
CA CYS B 13 6.25 -17.53 1.23
C CYS B 13 6.67 -16.09 1.51
N MET B 14 7.97 -15.80 1.61
CA MET B 14 8.49 -14.47 1.88
C MET B 14 8.21 -13.50 0.77
N THR B 15 7.76 -13.99 -0.41
CA THR B 15 7.31 -13.06 -1.44
C THR B 15 6.15 -12.22 -0.89
N CYS B 16 5.31 -12.83 -0.03
CA CYS B 16 4.15 -12.09 0.48
C CYS B 16 4.01 -12.02 1.99
N HIS B 17 4.74 -12.85 2.71
CA HIS B 17 4.62 -12.86 4.16
C HIS B 17 5.92 -12.59 4.90
N ARG B 18 5.78 -12.03 6.08
CA ARG B 18 6.88 -11.84 7.01
C ARG B 18 6.41 -12.49 8.33
N ALA B 19 7.34 -12.70 9.25
CA ALA B 19 6.93 -13.25 10.54
C ALA B 19 6.22 -12.21 11.40
N ASP B 20 6.76 -11.00 11.54
CA ASP B 20 6.28 -10.01 12.48
C ASP B 20 5.42 -8.87 11.98
N LYS B 21 5.35 -8.70 10.66
CA LYS B 21 4.59 -7.55 10.16
C LYS B 21 3.71 -7.99 9.00
N ASN B 22 2.66 -7.29 8.74
CA ASN B 22 1.81 -7.60 7.59
C ASN B 22 2.48 -7.09 6.33
N MET B 23 2.24 -7.76 5.21
CA MET B 23 2.77 -7.33 3.92
C MET B 23 1.62 -7.55 2.94
N VAL B 24 1.85 -8.28 1.86
CA VAL B 24 0.78 -8.67 0.95
C VAL B 24 -0.16 -9.63 1.71
N GLY B 25 0.44 -10.53 2.46
CA GLY B 25 -0.26 -11.48 3.31
C GLY B 25 -0.01 -11.11 4.78
N PRO B 26 -0.78 -11.74 5.66
CA PRO B 26 -0.68 -11.52 7.09
C PRO B 26 0.61 -11.99 7.68
N ALA B 27 1.02 -11.33 8.77
CA ALA B 27 2.18 -11.78 9.54
C ALA B 27 1.92 -13.22 9.95
N LEU B 28 2.94 -14.09 9.85
CA LEU B 28 2.72 -15.48 10.22
C LEU B 28 3.29 -15.91 11.56
N ALA B 29 4.01 -15.08 12.30
CA ALA B 29 4.45 -15.56 13.63
C ALA B 29 3.23 -15.88 14.49
N GLY B 30 3.28 -17.07 15.12
CA GLY B 30 2.16 -17.51 15.95
C GLY B 30 0.96 -18.00 15.16
N VAL B 31 1.10 -18.26 13.86
CA VAL B 31 -0.07 -18.72 13.09
C VAL B 31 -0.48 -20.08 13.55
N VAL B 32 0.46 -20.93 14.00
CA VAL B 32 0.08 -22.25 14.49
C VAL B 32 -0.59 -22.08 15.86
N GLY B 33 -1.89 -22.27 15.86
CA GLY B 33 -2.72 -22.08 17.03
C GLY B 33 -3.53 -20.79 16.94
N ARG B 34 -3.51 -20.12 15.79
CA ARG B 34 -4.26 -18.86 15.65
C ARG B 34 -5.58 -19.02 14.92
N LYS B 35 -6.63 -18.40 15.44
CA LYS B 35 -7.92 -18.39 14.71
C LYS B 35 -7.69 -17.80 13.33
N ALA B 36 -8.18 -18.49 12.28
CA ALA B 36 -7.95 -17.90 10.94
C ALA B 36 -8.55 -16.51 10.84
N GLY B 37 -7.91 -15.66 10.04
CA GLY B 37 -8.43 -14.33 9.75
C GLY B 37 -8.30 -13.38 10.92
N THR B 38 -7.25 -13.53 11.76
CA THR B 38 -7.15 -12.63 12.91
C THR B 38 -5.80 -11.98 13.13
N ALA B 39 -4.83 -12.11 12.22
CA ALA B 39 -3.59 -11.35 12.42
C ALA B 39 -3.98 -9.86 12.57
N ALA B 40 -3.48 -9.22 13.63
CA ALA B 40 -3.89 -7.83 13.89
C ALA B 40 -3.50 -6.92 12.72
N GLY B 41 -4.39 -6.06 12.32
CA GLY B 41 -4.17 -5.12 11.25
C GLY B 41 -4.39 -5.59 9.84
N PHE B 42 -4.56 -6.91 9.63
CA PHE B 42 -4.72 -7.39 8.27
C PHE B 42 -6.18 -7.53 7.87
N THR B 43 -6.47 -7.10 6.65
CA THR B 43 -7.81 -7.24 6.11
C THR B 43 -7.90 -8.49 5.25
N TYR B 44 -8.68 -9.46 5.77
CA TYR B 44 -8.78 -10.71 5.02
C TYR B 44 -9.95 -10.76 4.06
N SER B 45 -9.88 -11.75 3.17
CA SER B 45 -11.04 -11.99 2.30
C SER B 45 -12.19 -12.49 3.17
N PRO B 46 -13.40 -12.37 2.66
CA PRO B 46 -14.56 -12.97 3.35
C PRO B 46 -14.38 -14.47 3.54
N LEU B 47 -13.86 -15.21 2.55
CA LEU B 47 -13.70 -16.66 2.68
C LEU B 47 -12.85 -17.01 3.89
N ASN B 48 -11.67 -16.38 4.00
CA ASN B 48 -10.80 -16.70 5.15
C ASN B 48 -11.45 -16.16 6.42
N HIS B 49 -11.95 -14.92 6.43
CA HIS B 49 -12.61 -14.34 7.59
C HIS B 49 -13.75 -15.24 8.10
N ASN B 50 -14.64 -15.65 7.20
CA ASN B 50 -15.79 -16.48 7.58
C ASN B 50 -15.34 -17.84 8.10
N SER B 51 -14.23 -18.38 7.55
CA SER B 51 -13.72 -19.65 8.06
C SER B 51 -13.32 -19.53 9.53
N GLY B 52 -12.59 -18.46 9.89
CA GLY B 52 -12.16 -18.33 11.28
C GLY B 52 -13.39 -18.11 12.15
N GLU B 53 -14.37 -17.33 11.66
CA GLU B 53 -15.57 -17.07 12.45
C GLU B 53 -16.34 -18.36 12.69
N ALA B 54 -16.26 -19.33 11.79
CA ALA B 54 -16.88 -20.63 11.93
C ALA B 54 -16.08 -21.56 12.82
N GLY B 55 -14.93 -21.12 13.30
CA GLY B 55 -14.13 -21.84 14.25
C GLY B 55 -12.77 -22.32 13.83
N LEU B 56 -12.38 -22.05 12.57
CA LEU B 56 -11.11 -22.57 12.08
C LEU B 56 -9.92 -21.96 12.81
N VAL B 57 -9.17 -22.85 13.43
CA VAL B 57 -7.91 -22.45 14.09
C VAL B 57 -6.82 -23.14 13.29
N TRP B 58 -5.74 -22.49 12.89
CA TRP B 58 -4.71 -23.17 12.11
C TRP B 58 -3.88 -24.04 13.05
N THR B 59 -3.63 -25.26 12.58
CA THR B 59 -2.82 -26.20 13.36
C THR B 59 -1.69 -26.72 12.49
N ALA B 60 -0.72 -27.42 13.10
CA ALA B 60 0.33 -28.06 12.33
C ALA B 60 -0.25 -29.08 11.38
N ASP B 61 -1.39 -29.70 11.68
CA ASP B 61 -2.00 -30.68 10.84
C ASP B 61 -2.82 -30.09 9.70
N ASN B 62 -3.65 -29.08 9.94
CA ASN B 62 -4.50 -28.57 8.86
C ASN B 62 -3.85 -27.52 7.98
N ILE B 63 -2.69 -26.93 8.35
CA ILE B 63 -2.08 -26.01 7.36
C ILE B 63 -1.57 -26.82 6.18
N VAL B 64 -1.15 -28.07 6.44
CA VAL B 64 -0.63 -28.91 5.36
C VAL B 64 -1.58 -29.05 4.19
N PRO B 65 -2.82 -29.54 4.34
CA PRO B 65 -3.75 -29.64 3.23
C PRO B 65 -4.17 -28.28 2.69
N TYR B 66 -4.27 -27.28 3.58
CA TYR B 66 -4.57 -25.92 3.14
C TYR B 66 -3.62 -25.46 2.06
N LEU B 67 -2.29 -25.63 2.27
CA LEU B 67 -1.31 -25.12 1.30
C LEU B 67 -1.40 -25.77 -0.07
N ALA B 68 -1.96 -26.98 -0.18
CA ALA B 68 -2.11 -27.63 -1.47
C ALA B 68 -3.16 -26.90 -2.31
N ASP B 69 -4.19 -26.36 -1.64
CA ASP B 69 -5.21 -25.61 -2.39
C ASP B 69 -6.03 -24.80 -1.41
N PRO B 70 -5.61 -23.58 -1.11
CA PRO B 70 -6.30 -22.74 -0.12
C PRO B 70 -7.80 -22.63 -0.34
N ASN B 71 -8.23 -22.32 -1.57
CA ASN B 71 -9.68 -22.20 -1.81
C ASN B 71 -10.42 -23.49 -1.53
N ALA B 72 -9.91 -24.64 -2.00
CA ALA B 72 -10.62 -25.89 -1.78
C ALA B 72 -10.72 -26.18 -0.28
N PHE B 73 -9.62 -25.97 0.44
CA PHE B 73 -9.63 -26.24 1.86
C PHE B 73 -10.68 -25.42 2.61
N LEU B 74 -10.69 -24.11 2.43
CA LEU B 74 -11.56 -23.19 3.13
C LEU B 74 -13.03 -23.39 2.73
N LYS B 75 -13.26 -23.65 1.45
CA LYS B 75 -14.62 -23.93 0.99
C LYS B 75 -15.13 -25.24 1.57
N LYS B 76 -14.31 -26.27 1.62
CA LYS B 76 -14.70 -27.55 2.21
C LYS B 76 -14.98 -27.39 3.71
N PHE B 77 -14.11 -26.64 4.39
CA PHE B 77 -14.29 -26.39 5.82
C PHE B 77 -15.66 -25.76 6.08
N LEU B 78 -15.98 -24.67 5.38
CA LEU B 78 -17.25 -23.98 5.64
C LEU B 78 -18.44 -24.82 5.20
N THR B 79 -18.26 -25.58 4.13
CA THR B 79 -19.34 -26.48 3.68
C THR B 79 -19.60 -27.52 4.75
N GLU B 80 -18.57 -28.08 5.39
CA GLU B 80 -18.76 -29.10 6.41
C GLU B 80 -19.50 -28.54 7.61
N LYS B 81 -19.37 -27.24 7.86
CA LYS B 81 -20.00 -26.55 8.97
C LYS B 81 -21.44 -26.22 8.67
N GLY B 82 -21.95 -26.47 7.48
CA GLY B 82 -23.33 -26.11 7.10
C GLY B 82 -23.36 -24.63 6.75
N LYS B 83 -22.24 -24.13 6.24
CA LYS B 83 -22.09 -22.72 5.88
C LYS B 83 -21.55 -22.52 4.49
N ALA B 84 -21.96 -23.36 3.55
CA ALA B 84 -21.48 -23.32 2.18
C ALA B 84 -21.73 -21.98 1.50
N ASP B 85 -22.81 -21.31 1.87
CA ASP B 85 -23.11 -20.01 1.29
C ASP B 85 -22.09 -18.96 1.70
N GLN B 86 -21.38 -19.16 2.80
CA GLN B 86 -20.33 -18.21 3.19
C GLN B 86 -19.03 -18.50 2.48
N ALA B 87 -18.98 -19.55 1.62
CA ALA B 87 -17.71 -19.91 1.01
C ALA B 87 -17.74 -19.66 -0.49
N VAL B 88 -18.64 -18.78 -0.95
CA VAL B 88 -18.73 -18.59 -2.41
C VAL B 88 -17.54 -17.82 -2.95
N GLY B 89 -16.86 -17.00 -2.16
CA GLY B 89 -15.74 -16.22 -2.67
C GLY B 89 -14.42 -16.99 -2.64
N VAL B 90 -13.37 -16.31 -3.05
CA VAL B 90 -12.04 -16.92 -3.07
C VAL B 90 -11.08 -16.18 -2.15
N THR B 91 -9.98 -16.88 -1.81
CA THR B 91 -8.99 -16.27 -0.94
C THR B 91 -8.11 -15.27 -1.70
N LYS B 92 -7.53 -14.34 -0.94
CA LYS B 92 -6.58 -13.38 -1.50
C LYS B 92 -5.23 -14.05 -1.77
N MET B 93 -4.94 -15.17 -1.14
CA MET B 93 -3.68 -15.87 -1.31
C MET B 93 -3.61 -16.62 -2.64
N THR B 94 -2.85 -16.05 -3.59
CA THR B 94 -2.76 -16.69 -4.90
C THR B 94 -1.48 -17.48 -5.01
N PHE B 95 -1.45 -18.58 -4.29
CA PHE B 95 -0.29 -19.45 -4.24
C PHE B 95 -0.76 -20.81 -3.75
N LYS B 96 -0.24 -21.85 -4.34
CA LYS B 96 -0.46 -23.23 -3.96
C LYS B 96 0.92 -23.91 -3.89
N LEU B 97 1.04 -24.91 -3.02
CA LEU B 97 2.30 -25.67 -2.94
C LEU B 97 1.92 -27.13 -3.11
N ALA B 98 2.21 -27.71 -4.27
CA ALA B 98 1.73 -29.05 -4.56
C ALA B 98 2.40 -30.16 -3.76
N ASN B 99 3.72 -30.05 -3.59
CA ASN B 99 4.48 -31.10 -2.95
C ASN B 99 4.21 -31.27 -1.48
N GLU B 100 3.79 -32.47 -1.10
CA GLU B 100 3.40 -32.76 0.27
C GLU B 100 4.52 -32.65 1.28
N GLN B 101 5.71 -33.16 0.91
CA GLN B 101 6.86 -33.06 1.81
C GLN B 101 7.24 -31.59 2.04
N GLN B 102 7.20 -30.78 1.00
CA GLN B 102 7.51 -29.36 1.16
C GLN B 102 6.50 -28.69 2.06
N ARG B 103 5.23 -29.05 1.96
CA ARG B 103 4.19 -28.53 2.82
C ARG B 103 4.42 -28.94 4.26
N LYS B 104 4.76 -30.20 4.53
CA LYS B 104 5.04 -30.63 5.90
C LYS B 104 6.25 -29.90 6.46
N ASP B 105 7.28 -29.72 5.64
CA ASP B 105 8.50 -29.08 6.11
C ASP B 105 8.25 -27.61 6.40
N VAL B 106 7.55 -26.90 5.50
CA VAL B 106 7.36 -25.47 5.76
C VAL B 106 6.44 -25.27 6.98
N VAL B 107 5.51 -26.17 7.22
CA VAL B 107 4.66 -26.09 8.41
C VAL B 107 5.47 -26.33 9.67
N ALA B 108 6.47 -27.21 9.62
CA ALA B 108 7.34 -27.41 10.78
C ALA B 108 8.08 -26.10 11.02
N TYR B 109 8.50 -25.42 9.95
CA TYR B 109 9.14 -24.11 10.07
C TYR B 109 8.16 -23.11 10.70
N LEU B 110 6.92 -23.02 10.26
CA LEU B 110 5.95 -22.12 10.86
C LEU B 110 5.77 -22.39 12.36
N ALA B 111 5.79 -23.63 12.80
CA ALA B 111 5.59 -23.96 14.23
C ALA B 111 6.71 -23.37 15.06
N THR B 112 7.89 -23.11 14.48
CA THR B 112 8.98 -22.51 15.22
C THR B 112 8.85 -21.01 15.25
N LEU B 113 7.96 -20.43 14.46
CA LEU B 113 7.70 -19.00 14.36
C LEU B 113 6.74 -18.61 15.47
N LYS B 114 7.30 -18.39 16.65
CA LYS B 114 6.52 -18.10 17.83
C LYS B 114 5.89 -16.72 17.88
N PCA C 1 -3.74 -1.29 11.11
CA PCA C 1 -4.37 -0.51 10.04
CB PCA C 1 -3.35 -0.40 8.95
CG PCA C 1 -2.30 -1.43 9.25
CD PCA C 1 -2.47 -1.85 10.67
OE PCA C 1 -1.90 -2.64 11.38
C PCA C 1 -5.68 -1.17 9.59
O PCA C 1 -6.16 -0.94 8.50
N ASP C 2 -6.30 -1.91 10.51
CA ASP C 2 -7.60 -2.54 10.23
C ASP C 2 -8.69 -1.64 10.79
N ALA C 3 -9.33 -0.88 9.89
CA ALA C 3 -10.33 0.10 10.33
C ALA C 3 -11.49 -0.52 11.03
N LYS C 4 -11.87 -1.76 10.67
CA LYS C 4 -12.97 -2.44 11.34
C LYS C 4 -12.65 -2.69 12.81
N ALA C 5 -11.43 -3.17 13.05
CA ALA C 5 -10.96 -3.35 14.42
C ALA C 5 -10.87 -1.99 15.12
N GLY C 6 -10.56 -0.97 14.32
CA GLY C 6 -10.51 0.41 14.84
C GLY C 6 -11.82 0.88 15.41
N GLU C 7 -12.98 0.32 15.02
CA GLU C 7 -14.25 0.76 15.54
C GLU C 7 -14.34 0.60 17.06
N ALA C 8 -13.77 -0.53 17.52
CA ALA C 8 -13.85 -0.82 18.95
C ALA C 8 -13.00 0.16 19.75
N VAL C 9 -11.83 0.48 19.17
CA VAL C 9 -10.97 1.50 19.80
C VAL C 9 -11.61 2.88 19.79
N PHE C 10 -12.28 3.25 18.68
CA PHE C 10 -12.94 4.53 18.53
C PHE C 10 -14.03 4.78 19.55
N LYS C 11 -14.65 3.71 20.11
CA LYS C 11 -15.65 3.95 21.16
C LYS C 11 -15.02 4.72 22.32
N GLN C 12 -13.75 4.55 22.64
CA GLN C 12 -13.10 5.31 23.69
C GLN C 12 -13.05 6.79 23.31
N CYS C 13 -12.68 7.02 22.02
CA CYS C 13 -12.61 8.41 21.55
C CYS C 13 -13.96 9.11 21.57
N MET C 14 -15.04 8.37 21.42
CA MET C 14 -16.41 8.89 21.45
C MET C 14 -16.78 9.48 22.79
N THR C 15 -16.00 9.21 23.83
CA THR C 15 -16.22 9.86 25.13
C THR C 15 -16.17 11.36 24.96
N CYS C 16 -15.21 11.81 24.15
CA CYS C 16 -15.02 13.27 24.02
C CYS C 16 -15.15 13.80 22.61
N HIS C 17 -15.16 12.95 21.61
CA HIS C 17 -15.21 13.37 20.23
C HIS C 17 -16.40 12.81 19.47
N ARG C 18 -16.92 13.67 18.59
CA ARG C 18 -17.98 13.34 17.66
C ARG C 18 -17.41 13.54 16.25
N ALA C 19 -18.04 12.98 15.22
CA ALA C 19 -17.52 13.16 13.88
C ALA C 19 -17.78 14.57 13.39
N ASP C 20 -19.03 15.04 13.54
CA ASP C 20 -19.40 16.30 12.96
C ASP C 20 -19.46 17.52 13.83
N LYS C 21 -19.60 17.36 15.14
CA LYS C 21 -19.74 18.52 15.99
C LYS C 21 -18.66 18.49 17.06
N ASN C 22 -18.39 19.69 17.59
CA ASN C 22 -17.41 19.77 18.68
C ASN C 22 -18.07 19.30 19.98
N MET C 23 -17.27 18.77 20.88
CA MET C 23 -17.79 18.33 22.19
C MET C 23 -16.70 18.62 23.19
N VAL C 24 -16.24 17.65 23.98
CA VAL C 24 -15.11 17.93 24.87
C VAL C 24 -13.88 18.18 23.97
N GLY C 25 -13.73 17.36 22.95
CA GLY C 25 -12.65 17.50 21.97
C GLY C 25 -13.29 17.97 20.65
N PRO C 26 -12.44 18.36 19.70
CA PRO C 26 -12.91 18.84 18.43
C PRO C 26 -13.51 17.74 17.53
N ALA C 27 -14.41 18.18 16.66
CA ALA C 27 -14.96 17.25 15.66
C ALA C 27 -13.81 16.58 14.90
N LEU C 28 -13.93 15.29 14.69
CA LEU C 28 -12.86 14.54 14.01
C LEU C 28 -13.13 14.23 12.55
N ALA C 29 -14.34 14.42 12.03
CA ALA C 29 -14.51 14.13 10.60
C ALA C 29 -13.53 15.00 9.79
N GLY C 30 -12.82 14.38 8.89
CA GLY C 30 -11.83 15.07 8.06
C GLY C 30 -10.58 15.42 8.83
N VAL C 31 -10.35 14.84 10.00
CA VAL C 31 -9.10 15.18 10.70
C VAL C 31 -7.88 14.74 9.92
N VAL C 32 -7.94 13.62 9.21
CA VAL C 32 -6.80 13.19 8.42
C VAL C 32 -6.70 14.17 7.24
N GLY C 33 -5.61 14.93 7.23
CA GLY C 33 -5.41 15.98 6.23
C GLY C 33 -5.69 17.37 6.78
N ARG C 34 -6.03 17.49 8.05
CA ARG C 34 -6.40 18.77 8.63
C ARG C 34 -5.24 19.42 9.39
N LYS C 35 -5.03 20.72 9.16
CA LYS C 35 -4.03 21.44 9.96
C LYS C 35 -4.42 21.34 11.43
N ALA C 36 -3.47 20.99 12.29
CA ALA C 36 -3.83 20.86 13.71
C ALA C 36 -4.38 22.18 14.24
N GLY C 37 -5.34 22.06 15.16
CA GLY C 37 -5.88 23.21 15.87
C GLY C 37 -6.78 24.05 15.01
N THR C 38 -7.56 23.43 14.08
CA THR C 38 -8.39 24.29 13.23
C THR C 38 -9.83 23.83 13.08
N ALA C 39 -10.31 22.85 13.85
CA ALA C 39 -11.73 22.50 13.71
C ALA C 39 -12.51 23.80 14.05
N ALA C 40 -13.41 24.18 13.14
CA ALA C 40 -14.16 25.41 13.33
C ALA C 40 -14.93 25.43 14.64
N GLY C 41 -14.76 26.52 15.39
CA GLY C 41 -15.44 26.76 16.64
C GLY C 41 -14.79 26.15 17.88
N PHE C 42 -13.75 25.35 17.73
CA PHE C 42 -13.17 24.69 18.89
C PHE C 42 -12.01 25.51 19.45
N THR C 43 -11.99 25.64 20.76
CA THR C 43 -10.89 26.37 21.39
C THR C 43 -9.79 25.41 21.86
N TYR C 44 -8.66 25.43 21.16
CA TYR C 44 -7.60 24.52 21.48
C TYR C 44 -6.63 25.11 22.51
N SER C 45 -5.80 24.20 23.03
CA SER C 45 -4.71 24.65 23.90
C SER C 45 -3.72 25.39 23.02
N PRO C 46 -2.91 26.24 23.63
CA PRO C 46 -1.76 26.83 22.96
C PRO C 46 -0.86 25.76 22.34
N LEU C 47 -0.57 24.65 23.05
CA LEU C 47 0.31 23.62 22.49
C LEU C 47 -0.17 23.08 21.15
N ASN C 48 -1.46 22.71 21.11
CA ASN C 48 -2.03 22.22 19.85
C ASN C 48 -2.11 23.32 18.80
N HIS C 49 -2.65 24.48 19.20
CA HIS C 49 -2.72 25.63 18.29
C HIS C 49 -1.38 25.97 17.66
N ASN C 50 -0.35 26.06 18.52
CA ASN C 50 0.98 26.44 18.03
C ASN C 50 1.56 25.41 17.08
N SER C 51 1.27 24.12 17.37
CA SER C 51 1.77 23.06 16.49
C SER C 51 1.19 23.24 15.08
N GLY C 52 -0.13 23.47 15.00
CA GLY C 52 -0.73 23.67 13.66
C GLY C 52 -0.16 24.90 12.98
N GLU C 53 0.03 25.97 13.76
CA GLU C 53 0.57 27.21 13.19
C GLU C 53 1.99 26.99 12.68
N ALA C 54 2.74 26.04 13.26
CA ALA C 54 4.08 25.73 12.82
C ALA C 54 4.06 24.77 11.62
N GLY C 55 2.88 24.33 11.22
CA GLY C 55 2.67 23.57 9.99
C GLY C 55 2.19 22.14 10.18
N LEU C 56 1.91 21.75 11.42
CA LEU C 56 1.48 20.34 11.58
C LEU C 56 0.13 20.07 10.95
N VAL C 57 0.14 19.08 10.05
CA VAL C 57 -1.09 18.59 9.40
C VAL C 57 -1.23 17.14 9.89
N TRP C 58 -2.40 16.75 10.35
CA TRP C 58 -2.54 15.37 10.84
C TRP C 58 -2.62 14.44 9.63
N THR C 59 -1.87 13.36 9.73
CA THR C 59 -1.89 12.39 8.62
C THR C 59 -2.17 10.99 9.14
N ALA C 60 -2.39 10.05 8.22
CA ALA C 60 -2.54 8.65 8.67
C ALA C 60 -1.30 8.13 9.34
N ASP C 61 -0.13 8.68 9.12
CA ASP C 61 1.10 8.24 9.71
C ASP C 61 1.36 8.90 11.08
N ASN C 62 1.18 10.22 11.19
CA ASN C 62 1.58 10.89 12.42
C ASN C 62 0.55 10.84 13.53
N ILE C 63 -0.71 10.48 13.22
CA ILE C 63 -1.65 10.39 14.35
C ILE C 63 -1.27 9.20 15.22
N VAL C 64 -0.65 8.19 14.62
CA VAL C 64 -0.26 6.99 15.40
C VAL C 64 0.66 7.27 16.56
N PRO C 65 1.81 7.89 16.40
CA PRO C 65 2.68 8.24 17.50
C PRO C 65 2.05 9.28 18.41
N TYR C 66 1.26 10.20 17.86
CA TYR C 66 0.57 11.21 18.67
C TYR C 66 -0.25 10.54 19.76
N LEU C 67 -1.06 9.54 19.37
CA LEU C 67 -1.96 8.93 20.37
C LEU C 67 -1.24 8.23 21.50
N ALA C 68 0.02 7.83 21.33
CA ALA C 68 0.74 7.21 22.42
C ALA C 68 1.03 8.20 23.55
N ASP C 69 1.20 9.46 23.17
CA ASP C 69 1.52 10.48 24.17
C ASP C 69 1.40 11.85 23.50
N PRO C 70 0.21 12.41 23.50
CA PRO C 70 -0.05 13.67 22.84
C PRO C 70 0.93 14.77 23.23
N ASN C 71 1.17 14.93 24.53
CA ASN C 71 2.09 16.00 24.92
C ASN C 71 3.48 15.80 24.33
N ALA C 72 4.01 14.58 24.45
CA ALA C 72 5.37 14.33 23.99
C ALA C 72 5.48 14.54 22.49
N PHE C 73 4.42 14.12 21.77
CA PHE C 73 4.47 14.29 20.31
C PHE C 73 4.51 15.75 19.92
N LEU C 74 3.55 16.53 20.47
CA LEU C 74 3.47 17.95 20.09
C LEU C 74 4.67 18.74 20.57
N LYS C 75 5.20 18.39 21.74
CA LYS C 75 6.39 19.09 22.24
C LYS C 75 7.60 18.79 21.35
N LYS C 76 7.72 17.53 20.92
CA LYS C 76 8.82 17.13 20.06
C LYS C 76 8.72 17.83 18.70
N PHE C 77 7.50 17.88 18.16
CA PHE C 77 7.26 18.53 16.88
C PHE C 77 7.71 19.99 16.92
N LEU C 78 7.21 20.75 17.91
CA LEU C 78 7.60 22.16 17.94
C LEU C 78 9.09 22.32 18.24
N THR C 79 9.65 21.43 19.06
CA THR C 79 11.07 21.55 19.38
C THR C 79 11.89 21.36 18.13
N GLU C 80 11.49 20.41 17.26
CA GLU C 80 12.22 20.18 16.02
C GLU C 80 12.12 21.34 15.06
N LYS C 81 11.07 22.14 15.19
CA LYS C 81 10.89 23.33 14.39
C LYS C 81 11.66 24.53 14.90
N GLY C 82 12.38 24.42 16.00
CA GLY C 82 13.11 25.53 16.60
C GLY C 82 12.12 26.42 17.33
N LYS C 83 11.05 25.79 17.84
CA LYS C 83 9.99 26.49 18.55
C LYS C 83 9.65 25.85 19.88
N ALA C 84 10.65 25.36 20.58
CA ALA C 84 10.47 24.70 21.88
C ALA C 84 9.73 25.60 22.89
N ASP C 85 9.96 26.91 22.85
CA ASP C 85 9.29 27.83 23.77
C ASP C 85 7.78 27.86 23.56
N GLN C 86 7.30 27.53 22.35
CA GLN C 86 5.84 27.50 22.14
C GLN C 86 5.25 26.19 22.61
N ALA C 87 6.03 25.26 23.13
CA ALA C 87 5.56 23.97 23.58
C ALA C 87 5.59 23.80 25.09
N VAL C 88 5.72 24.90 25.84
CA VAL C 88 5.81 24.69 27.29
C VAL C 88 4.53 24.21 27.95
N GLY C 89 3.39 24.44 27.35
CA GLY C 89 2.12 24.01 27.90
C GLY C 89 1.78 22.57 27.55
N VAL C 90 0.58 22.18 28.01
CA VAL C 90 0.13 20.82 27.76
C VAL C 90 -1.18 20.81 26.99
N THR C 91 -1.47 19.64 26.38
CA THR C 91 -2.71 19.58 25.61
C THR C 91 -3.93 19.42 26.52
N LYS C 92 -5.09 19.79 26.01
CA LYS C 92 -6.35 19.58 26.73
C LYS C 92 -6.80 18.11 26.66
N MET C 93 -6.26 17.32 25.76
CA MET C 93 -6.62 15.93 25.56
C MET C 93 -5.94 15.08 26.64
N THR C 94 -6.72 14.71 27.65
CA THR C 94 -6.23 13.89 28.74
C THR C 94 -6.57 12.45 28.42
N PHE C 95 -5.87 11.85 27.48
CA PHE C 95 -6.09 10.47 27.06
C PHE C 95 -4.87 10.04 26.26
N LYS C 96 -4.42 8.84 26.51
CA LYS C 96 -3.33 8.23 25.78
C LYS C 96 -3.74 6.79 25.46
N LEU C 97 -3.17 6.25 24.39
CA LEU C 97 -3.46 4.87 23.98
C LEU C 97 -2.11 4.20 23.80
N ALA C 98 -1.72 3.38 24.78
CA ALA C 98 -0.40 2.77 24.74
C ALA C 98 -0.22 1.73 23.64
N ASN C 99 -1.24 0.92 23.40
CA ASN C 99 -1.06 -0.18 22.42
C ASN C 99 -0.91 0.30 20.99
N GLU C 100 0.20 -0.03 20.35
CA GLU C 100 0.47 0.39 18.99
C GLU C 100 -0.52 -0.11 17.95
N GLN C 101 -0.92 -1.38 18.07
CA GLN C 101 -1.87 -1.93 17.11
C GLN C 101 -3.22 -1.19 17.20
N GLN C 102 -3.66 -0.90 18.45
CA GLN C 102 -4.89 -0.16 18.61
C GLN C 102 -4.78 1.24 17.99
N ARG C 103 -3.60 1.84 18.14
CA ARG C 103 -3.45 3.17 17.52
C ARG C 103 -3.50 3.05 16.00
N LYS C 104 -2.80 2.04 15.46
CA LYS C 104 -2.83 1.90 13.99
C LYS C 104 -4.25 1.66 13.49
N ASP C 105 -4.95 0.79 14.20
CA ASP C 105 -6.33 0.48 13.79
C ASP C 105 -7.25 1.67 13.90
N VAL C 106 -7.19 2.44 14.99
CA VAL C 106 -8.13 3.55 15.14
C VAL C 106 -7.79 4.64 14.13
N VAL C 107 -6.49 4.76 13.80
CA VAL C 107 -6.13 5.76 12.78
C VAL C 107 -6.64 5.33 11.40
N ALA C 108 -6.67 4.04 11.13
CA ALA C 108 -7.28 3.57 9.86
C ALA C 108 -8.77 3.93 9.85
N TYR C 109 -9.42 3.81 11.03
CA TYR C 109 -10.81 4.20 11.15
C TYR C 109 -10.97 5.70 10.89
N LEU C 110 -10.09 6.53 11.47
CA LEU C 110 -10.16 7.96 11.27
C LEU C 110 -10.05 8.37 9.80
N ALA C 111 -9.24 7.63 9.04
CA ALA C 111 -9.05 7.91 7.62
C ALA C 111 -10.35 7.70 6.86
N THR C 112 -11.30 6.93 7.40
CA THR C 112 -12.58 6.76 6.71
C THR C 112 -13.61 7.78 7.14
N LEU C 113 -13.29 8.59 8.15
CA LEU C 113 -14.21 9.59 8.67
C LEU C 113 -14.04 10.86 7.84
N LYS C 114 -14.67 10.92 6.69
CA LYS C 114 -14.50 11.98 5.72
C LYS C 114 -15.06 13.33 6.08
N PCA D 1 -0.24 35.76 -4.78
CA PCA D 1 0.99 35.49 -5.53
CB PCA D 1 0.80 36.09 -6.91
CG PCA D 1 -0.45 36.88 -6.84
CD PCA D 1 -1.08 36.70 -5.53
OE PCA D 1 -2.28 36.73 -5.29
C PCA D 1 2.19 36.11 -4.81
O PCA D 1 3.16 36.47 -5.48
N ASP D 2 2.13 36.11 -3.52
CA ASP D 2 3.26 36.64 -2.72
C ASP D 2 4.03 35.44 -2.17
N ALA D 3 5.22 35.21 -2.73
CA ALA D 3 6.00 34.06 -2.30
C ALA D 3 6.43 34.12 -0.85
N LYS D 4 6.69 35.32 -0.30
CA LYS D 4 7.06 35.45 1.11
C LYS D 4 5.94 34.97 2.02
N ALA D 5 4.71 35.42 1.72
CA ALA D 5 3.55 34.94 2.48
C ALA D 5 3.38 33.43 2.24
N GLY D 6 3.74 32.99 1.05
CA GLY D 6 3.72 31.55 0.73
C GLY D 6 4.59 30.72 1.65
N GLU D 7 5.67 31.24 2.24
CA GLU D 7 6.49 30.49 3.17
C GLU D 7 5.69 29.89 4.33
N ALA D 8 4.76 30.71 4.84
CA ALA D 8 3.99 30.28 6.01
C ALA D 8 3.07 29.13 5.62
N VAL D 9 2.44 29.28 4.48
CA VAL D 9 1.54 28.23 3.99
C VAL D 9 2.35 26.98 3.71
N PHE D 10 3.58 27.11 3.19
CA PHE D 10 4.40 25.95 2.83
C PHE D 10 4.78 25.09 4.03
N LYS D 11 4.76 25.63 5.26
CA LYS D 11 5.02 24.83 6.44
C LYS D 11 4.04 23.66 6.50
N GLN D 12 2.76 23.87 6.06
CA GLN D 12 1.82 22.75 6.07
C GLN D 12 2.24 21.68 5.07
N CYS D 13 2.69 22.11 3.89
CA CYS D 13 3.16 21.18 2.86
C CYS D 13 4.36 20.37 3.32
N MET D 14 5.18 20.98 4.18
CA MET D 14 6.37 20.30 4.69
C MET D 14 6.04 19.09 5.55
N THR D 15 4.78 18.92 5.97
CA THR D 15 4.39 17.71 6.67
C THR D 15 4.68 16.49 5.79
N CYS D 16 4.45 16.66 4.48
CA CYS D 16 4.65 15.52 3.57
C CYS D 16 5.62 15.73 2.43
N HIS D 17 6.01 16.97 2.16
CA HIS D 17 6.88 17.25 1.05
C HIS D 17 8.18 17.93 1.45
N ARG D 18 9.22 17.58 0.71
CA ARG D 18 10.52 18.27 0.81
C ARG D 18 10.82 18.82 -0.58
N ALA D 19 11.84 19.70 -0.66
CA ALA D 19 12.13 20.24 -2.01
C ALA D 19 12.87 19.22 -2.83
N ASP D 20 13.92 18.60 -2.25
CA ASP D 20 14.74 17.72 -3.08
C ASP D 20 14.64 16.25 -2.90
N LYS D 21 13.94 15.73 -1.90
CA LYS D 21 13.83 14.30 -1.73
C LYS D 21 12.35 13.95 -1.65
N ASN D 22 12.05 12.70 -1.95
CA ASN D 22 10.70 12.21 -1.79
C ASN D 22 10.47 11.91 -0.32
N MET D 23 9.21 12.04 0.10
CA MET D 23 8.83 11.72 1.47
C MET D 23 7.47 11.07 1.42
N VAL D 24 6.47 11.57 2.16
CA VAL D 24 5.13 11.04 2.01
C VAL D 24 4.66 11.40 0.59
N GLY D 25 4.93 12.64 0.19
CA GLY D 25 4.62 13.10 -1.17
C GLY D 25 5.92 13.28 -1.93
N PRO D 26 5.81 13.54 -3.23
CA PRO D 26 6.95 13.72 -4.09
C PRO D 26 7.71 14.99 -3.82
N ALA D 27 9.01 14.95 -4.13
CA ALA D 27 9.85 16.14 -4.05
C ALA D 27 9.23 17.24 -4.90
N LEU D 28 9.19 18.48 -4.39
CA LEU D 28 8.55 19.56 -5.12
C LEU D 28 9.47 20.51 -5.84
N ALA D 29 10.79 20.42 -5.66
CA ALA D 29 11.66 21.32 -6.40
C ALA D 29 11.44 21.06 -7.89
N GLY D 30 11.22 22.13 -8.61
CA GLY D 30 10.96 22.05 -10.07
C GLY D 30 9.58 21.51 -10.40
N VAL D 31 8.64 21.51 -9.45
CA VAL D 31 7.29 21.05 -9.80
C VAL D 31 6.63 21.99 -10.77
N VAL D 32 6.89 23.30 -10.74
CA VAL D 32 6.30 24.23 -11.67
C VAL D 32 7.02 24.01 -13.02
N GLY D 33 6.25 23.43 -13.94
CA GLY D 33 6.71 23.05 -15.26
C GLY D 33 6.98 21.56 -15.40
N ARG D 34 6.65 20.75 -14.43
CA ARG D 34 6.88 19.32 -14.44
C ARG D 34 5.62 18.56 -14.83
N LYS D 35 5.80 17.58 -15.70
CA LYS D 35 4.65 16.69 -16.01
C LYS D 35 4.17 16.04 -14.72
N ALA D 36 2.85 16.02 -14.50
CA ALA D 36 2.36 15.36 -13.29
C ALA D 36 2.78 13.91 -13.24
N GLY D 37 3.06 13.44 -12.03
CA GLY D 37 3.35 12.04 -11.80
C GLY D 37 4.73 11.62 -12.30
N THR D 38 5.72 12.50 -12.22
CA THR D 38 7.03 12.09 -12.76
C THR D 38 8.21 12.35 -11.85
N ALA D 39 8.00 12.72 -10.59
CA ALA D 39 9.19 12.96 -9.74
C ALA D 39 9.91 11.60 -9.65
N ALA D 40 11.21 11.63 -9.92
CA ALA D 40 11.99 10.38 -9.92
C ALA D 40 11.86 9.65 -8.60
N GLY D 41 11.53 8.37 -8.65
CA GLY D 41 11.43 7.48 -7.54
C GLY D 41 10.15 7.46 -6.76
N PHE D 42 9.20 8.36 -7.10
CA PHE D 42 7.96 8.40 -6.35
C PHE D 42 6.89 7.56 -7.02
N THR D 43 6.15 6.82 -6.21
CA THR D 43 5.06 5.99 -6.70
C THR D 43 3.74 6.74 -6.56
N TYR D 44 3.20 7.18 -7.72
CA TYR D 44 1.97 7.95 -7.63
C TYR D 44 0.72 7.11 -7.71
N SER D 45 -0.40 7.74 -7.35
CA SER D 45 -1.69 7.10 -7.57
C SER D 45 -1.90 7.01 -9.08
N PRO D 46 -2.76 6.08 -9.48
CA PRO D 46 -3.19 6.03 -10.89
C PRO D 46 -3.80 7.36 -11.33
N LEU D 47 -4.63 7.97 -10.48
CA LEU D 47 -5.28 9.24 -10.85
C LEU D 47 -4.25 10.30 -11.23
N ASN D 48 -3.23 10.52 -10.41
CA ASN D 48 -2.19 11.51 -10.74
C ASN D 48 -1.35 11.04 -11.91
N HIS D 49 -0.92 9.78 -11.91
CA HIS D 49 -0.15 9.19 -12.99
C HIS D 49 -0.87 9.37 -14.33
N ASN D 50 -2.15 9.01 -14.37
CA ASN D 50 -2.95 9.06 -15.61
C ASN D 50 -3.10 10.49 -16.08
N SER D 51 -3.22 11.44 -15.14
CA SER D 51 -3.34 12.85 -15.49
C SER D 51 -2.09 13.34 -16.22
N GLY D 52 -0.89 13.03 -15.69
CA GLY D 52 0.32 13.45 -16.38
C GLY D 52 0.42 12.75 -17.74
N GLU D 53 0.04 11.48 -17.83
CA GLU D 53 0.13 10.78 -19.12
C GLU D 53 -0.81 11.39 -20.14
N ALA D 54 -1.91 11.99 -19.70
CA ALA D 54 -2.84 12.64 -20.59
C ALA D 54 -2.39 14.06 -20.96
N GLY D 55 -1.30 14.53 -20.41
CA GLY D 55 -0.66 15.77 -20.76
C GLY D 55 -0.53 16.83 -19.69
N LEU D 56 -1.01 16.57 -18.48
CA LEU D 56 -0.96 17.59 -17.44
C LEU D 56 0.43 17.94 -16.97
N VAL D 57 0.73 19.22 -17.17
CA VAL D 57 2.01 19.77 -16.71
C VAL D 57 1.61 20.77 -15.62
N TRP D 58 2.22 20.70 -14.45
CA TRP D 58 1.86 21.66 -13.40
C TRP D 58 2.42 23.04 -13.75
N THR D 59 1.56 24.03 -13.61
CA THR D 59 1.98 25.41 -13.90
C THR D 59 1.67 26.32 -12.72
N ALA D 60 2.19 27.55 -12.75
CA ALA D 60 1.80 28.51 -11.69
C ALA D 60 0.32 28.78 -11.70
N ASP D 61 -0.43 28.63 -12.78
CA ASP D 61 -1.83 28.84 -12.87
C ASP D 61 -2.65 27.63 -12.43
N ASN D 62 -2.30 26.40 -12.82
CA ASN D 62 -3.19 25.29 -12.49
C ASN D 62 -2.94 24.65 -11.15
N ILE D 63 -1.82 24.95 -10.49
CA ILE D 63 -1.64 24.34 -9.15
C ILE D 63 -2.63 25.00 -8.19
N VAL D 64 -2.94 26.28 -8.41
CA VAL D 64 -3.92 27.00 -7.58
C VAL D 64 -5.23 26.35 -7.43
N PRO D 65 -6.02 26.01 -8.46
CA PRO D 65 -7.26 25.29 -8.34
C PRO D 65 -7.08 23.86 -7.84
N TYR D 66 -5.97 23.22 -8.24
CA TYR D 66 -5.67 21.87 -7.77
C TYR D 66 -5.65 21.82 -6.26
N LEU D 67 -5.00 22.80 -5.61
CA LEU D 67 -4.88 22.74 -4.15
C LEU D 67 -6.19 22.85 -3.41
N ALA D 68 -7.20 23.46 -4.03
CA ALA D 68 -8.51 23.57 -3.40
C ALA D 68 -9.17 22.21 -3.27
N ASP D 69 -8.94 21.31 -4.22
CA ASP D 69 -9.51 19.97 -4.16
C ASP D 69 -8.79 19.12 -5.20
N PRO D 70 -7.72 18.46 -4.81
CA PRO D 70 -6.92 17.66 -5.73
C PRO D 70 -7.73 16.65 -6.52
N ASN D 71 -8.62 15.90 -5.81
CA ASN D 71 -9.41 14.92 -6.56
C ASN D 71 -10.30 15.53 -7.62
N ALA D 72 -11.02 16.60 -7.27
CA ALA D 72 -11.93 17.24 -8.22
C ALA D 72 -11.14 17.78 -9.41
N PHE D 73 -9.99 18.42 -9.13
CA PHE D 73 -9.19 18.95 -10.23
C PHE D 73 -8.73 17.86 -11.20
N LEU D 74 -8.09 16.80 -10.72
CA LEU D 74 -7.59 15.71 -11.56
C LEU D 74 -8.70 15.01 -12.29
N LYS D 75 -9.81 14.76 -11.60
CA LYS D 75 -10.96 14.09 -12.25
C LYS D 75 -11.55 14.93 -13.35
N LYS D 76 -11.62 16.24 -13.14
CA LYS D 76 -12.12 17.15 -14.17
C LYS D 76 -11.19 17.19 -15.37
N PHE D 77 -9.86 17.27 -15.10
CA PHE D 77 -8.87 17.31 -16.16
C PHE D 77 -8.98 16.07 -17.03
N LEU D 78 -8.99 14.86 -16.46
CA LEU D 78 -9.10 13.65 -17.27
C LEU D 78 -10.45 13.57 -17.98
N THR D 79 -11.52 14.03 -17.34
CA THR D 79 -12.85 13.98 -17.96
C THR D 79 -12.86 14.86 -19.20
N GLU D 80 -12.24 16.05 -19.09
CA GLU D 80 -12.20 16.95 -20.25
C GLU D 80 -11.39 16.38 -21.39
N LYS D 81 -10.48 15.45 -21.10
CA LYS D 81 -9.65 14.83 -22.14
C LYS D 81 -10.34 13.65 -22.78
N GLY D 82 -11.55 13.29 -22.37
CA GLY D 82 -12.30 12.16 -22.85
C GLY D 82 -11.76 10.89 -22.23
N LYS D 83 -11.27 11.05 -21.00
CA LYS D 83 -10.62 9.95 -20.29
C LYS D 83 -11.16 9.82 -18.88
N ALA D 84 -12.46 10.05 -18.72
CA ALA D 84 -13.11 9.96 -17.41
C ALA D 84 -12.93 8.61 -16.74
N ASP D 85 -12.88 7.52 -17.51
CA ASP D 85 -12.70 6.20 -16.92
C ASP D 85 -11.33 6.05 -16.24
N GLN D 86 -10.35 6.87 -16.59
CA GLN D 86 -9.04 6.82 -15.94
C GLN D 86 -9.00 7.65 -14.66
N ALA D 87 -10.10 8.26 -14.27
CA ALA D 87 -10.13 9.13 -13.12
C ALA D 87 -11.02 8.56 -12.04
N VAL D 88 -11.31 7.26 -12.09
CA VAL D 88 -12.23 6.74 -11.08
C VAL D 88 -11.61 6.69 -9.69
N GLY D 89 -10.30 6.60 -9.56
CA GLY D 89 -9.65 6.51 -8.26
C GLY D 89 -9.40 7.89 -7.63
N VAL D 90 -8.74 7.86 -6.47
CA VAL D 90 -8.45 9.11 -5.76
C VAL D 90 -6.95 9.32 -5.59
N THR D 91 -6.60 10.60 -5.25
CA THR D 91 -5.16 10.85 -5.07
C THR D 91 -4.66 10.36 -3.73
N LYS D 92 -3.35 10.17 -3.63
CA LYS D 92 -2.72 9.85 -2.33
C LYS D 92 -2.60 11.09 -1.46
N MET D 93 -2.69 12.28 -2.05
CA MET D 93 -2.56 13.51 -1.27
C MET D 93 -3.85 13.79 -0.51
N THR D 94 -3.78 13.55 0.81
CA THR D 94 -4.95 13.84 1.63
C THR D 94 -4.79 15.19 2.30
N PHE D 95 -4.95 16.25 1.53
CA PHE D 95 -4.80 17.60 2.02
C PHE D 95 -5.46 18.53 1.02
N LYS D 96 -6.18 19.52 1.53
CA LYS D 96 -6.81 20.52 0.68
C LYS D 96 -6.56 21.88 1.36
N LEU D 97 -6.50 22.93 0.57
CA LEU D 97 -6.30 24.28 1.10
C LEU D 97 -7.43 25.13 0.53
N ALA D 98 -8.40 25.50 1.38
CA ALA D 98 -9.56 26.20 0.88
C ALA D 98 -9.29 27.64 0.46
N ASN D 99 -8.49 28.36 1.24
CA ASN D 99 -8.28 29.78 0.98
C ASN D 99 -7.53 30.07 -0.30
N GLU D 100 -8.17 30.78 -1.22
CA GLU D 100 -7.58 31.12 -2.50
C GLU D 100 -6.29 31.92 -2.42
N GLN D 101 -6.25 32.94 -1.55
CA GLN D 101 -5.03 33.73 -1.41
C GLN D 101 -3.88 32.85 -0.92
N GLN D 102 -4.15 31.97 0.04
CA GLN D 102 -3.06 31.10 0.51
C GLN D 102 -2.57 30.20 -0.61
N ARG D 103 -3.49 29.73 -1.44
CA ARG D 103 -3.09 28.87 -2.57
C ARG D 103 -2.26 29.65 -3.59
N LYS D 104 -2.63 30.88 -3.91
CA LYS D 104 -1.84 31.69 -4.83
C LYS D 104 -0.44 31.97 -4.25
N ASP D 105 -0.40 32.25 -2.96
CA ASP D 105 0.87 32.58 -2.32
C ASP D 105 1.77 31.38 -2.23
N VAL D 106 1.23 30.19 -1.86
CA VAL D 106 2.14 29.04 -1.76
C VAL D 106 2.62 28.63 -3.15
N VAL D 107 1.81 28.82 -4.18
CA VAL D 107 2.21 28.51 -5.54
C VAL D 107 3.30 29.50 -5.99
N ALA D 108 3.23 30.75 -5.54
CA ALA D 108 4.34 31.66 -5.87
C ALA D 108 5.60 31.14 -5.20
N TYR D 109 5.48 30.58 -3.98
CA TYR D 109 6.65 30.02 -3.32
C TYR D 109 7.17 28.81 -4.09
N LEU D 110 6.28 27.94 -4.57
CA LEU D 110 6.71 26.79 -5.36
C LEU D 110 7.49 27.22 -6.60
N ALA D 111 7.12 28.29 -7.26
CA ALA D 111 7.79 28.78 -8.46
C ALA D 111 9.22 29.18 -8.17
N THR D 112 9.55 29.50 -6.91
CA THR D 112 10.94 29.84 -6.58
C THR D 112 11.72 28.59 -6.19
N LEU D 113 11.08 27.45 -6.09
CA LEU D 113 11.67 26.17 -5.76
C LEU D 113 12.21 25.51 -7.03
N LYS D 114 13.37 25.98 -7.48
CA LYS D 114 13.96 25.56 -8.74
C LYS D 114 14.42 24.11 -8.79
S SO4 E . -2.16 -23.91 -25.80
O1 SO4 E . -0.80 -24.36 -25.36
O2 SO4 E . -2.97 -25.07 -26.28
O3 SO4 E . -2.83 -23.24 -24.63
O4 SO4 E . -2.03 -22.87 -26.89
FE HEC F . 7.91 -13.77 -21.73
CHA HEC F . 9.58 -15.69 -19.44
CHB HEC F . 5.64 -12.85 -19.32
CHC HEC F . 6.48 -11.58 -23.91
CHD HEC F . 9.96 -14.93 -24.20
NA HEC F . 7.66 -14.20 -19.79
C1A HEC F . 8.48 -14.98 -18.99
C2A HEC F . 8.01 -14.92 -17.64
C3A HEC F . 6.90 -14.15 -17.62
C4A HEC F . 6.68 -13.67 -18.95
CMA HEC F . 6.03 -13.77 -16.40
CAA HEC F . 8.65 -15.71 -16.46
CBA HEC F . 7.85 -17.04 -16.33
CGA HEC F . 8.36 -18.08 -15.40
O1A HEC F . 9.26 -17.75 -14.60
O2A HEC F . 7.84 -19.23 -15.48
NB HEC F . 6.38 -12.48 -21.63
C1B HEC F . 5.50 -12.32 -20.59
C2B HEC F . 4.41 -11.44 -20.99
C3B HEC F . 4.65 -11.07 -22.26
C4B HEC F . 5.89 -11.69 -22.66
CMB HEC F . 3.22 -11.08 -20.08
CAB HEC F . 3.82 -10.12 -23.13
CBB HEC F . 3.71 -8.78 -22.39
NC HEC F . 8.20 -13.33 -23.67
C1C HEC F . 7.47 -12.39 -24.39
C2C HEC F . 7.94 -12.42 -25.75
C3C HEC F . 8.92 -13.32 -25.85
C4C HEC F . 9.08 -13.92 -24.54
CMC HEC F . 7.31 -11.50 -26.84
CAC HEC F . 9.67 -13.80 -27.10
CBC HEC F . 10.34 -12.66 -27.86
ND HEC F . 9.45 -15.06 -21.82
C1D HEC F . 10.17 -15.42 -22.93
C2D HEC F . 11.20 -16.37 -22.55
C3D HEC F . 11.08 -16.58 -21.24
C4D HEC F . 10.00 -15.75 -20.75
CMD HEC F . 12.17 -16.98 -23.59
CAD HEC F . 11.97 -17.46 -20.32
CBD HEC F . 13.00 -16.51 -19.61
CGD HEC F . 14.28 -17.13 -19.12
O1D HEC F . 14.30 -18.36 -19.04
O2D HEC F . 15.23 -16.32 -18.83
FE HEC G . -0.10 -17.06 2.33
CHA HEC G . -2.93 -16.19 4.02
CHB HEC G . 0.60 -19.42 4.69
CHC HEC G . 2.54 -18.15 0.46
CHD HEC G . -0.46 -14.36 0.26
NA HEC G . -1.00 -17.66 4.02
C1A HEC G . -2.22 -17.24 4.51
C2A HEC G . -2.56 -18.08 5.63
C3A HEC G . -1.57 -18.94 5.82
C4A HEC G . -0.58 -18.71 4.81
CMA HEC G . -1.43 -20.07 6.87
CAA HEC G . -3.83 -17.88 6.51
CBA HEC G . -3.38 -17.00 7.71
CGA HEC G . -4.41 -16.44 8.64
O1A HEC G . -5.56 -16.89 8.51
O2A HEC G . -4.01 -15.60 9.47
NB HEC G . 1.28 -18.49 2.55
C1B HEC G . 1.46 -19.31 3.63
C2B HEC G . 2.67 -20.09 3.45
C3B HEC G . 3.20 -19.77 2.27
C4B HEC G . 2.33 -18.74 1.69
CMB HEC G . 3.21 -21.11 4.48
CAB HEC G . 4.45 -20.33 1.59
CBB HEC G . 4.30 -21.86 1.41
NC HEC G . 0.83 -16.42 0.67
C1C HEC G . 1.91 -17.00 0.04
C2C HEC G . 2.27 -16.21 -1.12
C3C HEC G . 1.44 -15.18 -1.18
C4C HEC G . 0.53 -15.26 -0.05
CMC HEC G . 3.45 -16.58 -2.05
CAC HEC G . 1.39 -13.99 -2.17
CBC HEC G . 1.36 -14.47 -3.61
ND HEC G . -1.40 -15.55 2.17
C1D HEC G . -1.40 -14.53 1.26
C2D HEC G . -2.56 -13.69 1.48
C3D HEC G . -3.23 -14.20 2.52
C4D HEC G . -2.53 -15.37 2.96
CMD HEC G . -2.87 -12.43 0.63
CAD HEC G . -4.57 -13.71 3.13
CBD HEC G . -5.72 -14.59 2.56
CGD HEC G . -7.12 -14.03 2.60
O1D HEC G . -7.33 -13.05 3.33
O2D HEC G . -7.99 -14.63 1.92
S SO4 H . -22.11 14.27 15.02
O1 SO4 H . -22.32 13.23 16.07
O2 SO4 H . -21.39 13.65 13.86
O3 SO4 H . -21.34 15.42 15.59
O4 SO4 H . -23.45 14.77 14.59
FE HEC I . -8.76 13.53 21.36
CHA HEC I . -7.60 16.58 20.28
CHB HEC I . -7.71 12.09 18.40
CHC HEC I . -9.55 10.45 22.57
CHD HEC I . -10.09 15.00 24.12
NA HEC I . -7.85 14.21 19.68
C1A HEC I . -7.41 15.49 19.45
C2A HEC I . -6.72 15.51 18.19
C3A HEC I . -6.74 14.27 17.67
C4A HEC I . -7.46 13.43 18.61
CMA HEC I . -6.19 13.73 16.34
CAA HEC I . -6.13 16.78 17.52
CBA HEC I . -7.23 17.31 16.56
CGA HEC I . -7.06 18.69 15.96
O1A HEC I . -5.95 19.22 16.09
O2A HEC I . -8.07 19.14 15.38
NB HEC I . -8.65 11.66 20.64
C1B HEC I . -8.31 11.28 19.36
C2B HEC I . -8.56 9.87 19.19
C3B HEC I . -9.04 9.40 20.36
C4B HEC I . -9.09 10.51 21.27
CMB HEC I . -8.32 9.10 17.87
CAB HEC I . -9.44 7.97 20.69
CBB HEC I . -8.20 7.07 20.48
NC HEC I . -9.61 12.86 23.03
C1C HEC I . -9.87 11.54 23.34
C2C HEC I . -10.55 11.50 24.61
C3C HEC I . -10.70 12.74 25.05
C4C HEC I . -10.13 13.63 24.05
CMC HEC I . -11.02 10.18 25.29
CAC HEC I . -11.41 13.28 26.32
CBC HEC I . -10.89 12.62 27.59
ND HEC I . -8.86 15.41 22.03
C1D HEC I . -9.46 15.84 23.21
C2D HEC I . -9.30 17.26 23.36
C3D HEC I . -8.62 17.70 22.29
C4D HEC I . -8.32 16.56 21.46
CMD HEC I . -9.87 18.05 24.58
CAD HEC I . -8.12 19.12 22.00
CBD HEC I . -6.61 19.20 22.40
CGD HEC I . -6.02 20.56 22.65
O1D HEC I . -6.69 21.54 22.26
O2D HEC I . -4.90 20.60 23.23
C1 GOL J . 1.17 27.08 8.83
O1 GOL J . 0.89 27.06 7.42
C2 GOL J . 0.22 28.11 9.50
O2 GOL J . -0.92 28.29 8.65
C3 GOL J . 0.99 29.42 9.69
O3 GOL J . 0.20 30.54 9.34
FE HEC K . 1.05 17.36 -1.87
CHA HEC K . 1.21 15.41 -4.65
CHB HEC K . 1.56 20.17 -3.75
CHC HEC K . 0.42 19.32 0.88
CHD HEC K . 0.95 14.57 0.10
NA HEC K . 1.33 17.70 -3.82
C1A HEC K . 1.33 16.76 -4.82
C2A HEC K . 1.43 17.47 -6.08
C3A HEC K . 1.55 18.77 -5.82
C4A HEC K . 1.48 18.93 -4.38
CMA HEC K . 1.71 19.95 -6.80
CAA HEC K . 1.52 16.75 -7.44
CBA HEC K . 3.03 16.66 -7.81
CGA HEC K . 3.43 15.77 -8.94
O1A HEC K . 2.53 15.34 -9.68
O2A HEC K . 4.66 15.52 -9.03
NB HEC K . 1.00 19.33 -1.51
C1B HEC K . 1.34 20.33 -2.39
C2B HEC K . 1.39 21.59 -1.70
C3B HEC K . 1.06 21.37 -0.43
C4B HEC K . 0.79 19.96 -0.29
CMB HEC K . 1.78 22.91 -2.41
CAB HEC K . 0.91 22.39 0.72
CBB HEC K . -0.16 23.43 0.38
NC HEC K . 0.71 17.02 0.08
C1C HEC K . 0.51 17.97 1.08
C2C HEC K . 0.35 17.29 2.35
C3C HEC K . 0.47 15.98 2.13
C4C HEC K . 0.75 15.79 0.72
CMC HEC K . 0.08 18.01 3.69
CAC HEC K . 0.48 14.81 3.13
CBC HEC K . -0.76 14.78 4.02
ND HEC K . 1.10 15.38 -2.19
C1D HEC K . 1.04 14.38 -1.25
C2D HEC K . 1.06 13.10 -1.92
C3D HEC K . 1.14 13.34 -3.25
C4D HEC K . 1.16 14.77 -3.43
CMD HEC K . 1.01 11.74 -1.20
CAD HEC K . 1.13 12.31 -4.41
CBD HEC K . -0.28 12.24 -5.03
CGD HEC K . -0.67 11.02 -5.84
O1D HEC K . 0.28 10.30 -6.21
O2D HEC K . -1.89 10.86 -6.04
#